data_4NCD
#
_entry.id   4NCD
#
_cell.length_a   102.606
_cell.length_b   28.582
_cell.length_c   90.716
_cell.angle_alpha   90.00
_cell.angle_beta   118.89
_cell.angle_gamma   90.00
#
_symmetry.space_group_name_H-M   'C 1 2 1'
#
loop_
_entity.id
_entity.type
_entity.pdbx_description
1 polymer 'Gram-negative pili assembly chaperone, N-terminal domain protein'
2 water water
#
_entity_poly.entity_id   1
_entity_poly.type   'polypeptide(L)'
_entity_poly.pdbx_seq_one_letter_code
;MHKLFYLLSLLMAPFVANANFMIYPISKDLKNGNSELVRVYSKSKEIQYIKIYTKKIINPGTTEEYEVDIPNWDGGLVVT
PQKVILPAGASKSIRLTQFKIPKKEEVYRVYFEAVKPDSKENVIDNKKLTTELSVNIIYAALIRSLPSEQNISLNISRNA
KKNIIIYNNGNVRAGVKDIYFCKSSNIDDNCVKKAYNKNIYPEKSFDTLVNNNFSYVFIKLNHEGIEKEQGLIQLKVPLE
HHHHHH
;
_entity_poly.pdbx_strand_id   A
#
# COMPACT_ATOMS: atom_id res chain seq x y z
N ASN A 20 5.16 25.67 6.98
CA ASN A 20 4.69 24.66 6.07
C ASN A 20 5.83 23.81 5.47
N PHE A 21 5.52 22.58 5.10
CA PHE A 21 6.52 21.71 4.48
C PHE A 21 5.84 20.67 3.61
N MET A 22 6.64 19.93 2.86
CA MET A 22 6.14 18.94 1.93
C MET A 22 7.01 17.67 1.96
N ILE A 23 6.42 16.53 1.61
CA ILE A 23 7.19 15.29 1.52
C ILE A 23 7.10 14.63 0.14
N TYR A 24 8.15 13.93 -0.25
CA TYR A 24 8.17 13.22 -1.50
C TYR A 24 9.26 12.15 -1.47
N PRO A 25 8.99 10.98 -2.08
CA PRO A 25 7.70 10.60 -2.67
C PRO A 25 6.64 10.27 -1.59
N ILE A 26 5.40 10.00 -2.00
CA ILE A 26 4.33 9.81 -1.03
C ILE A 26 4.13 8.34 -0.76
N SER A 27 4.85 7.52 -1.52
CA SER A 27 4.86 6.10 -1.26
C SER A 27 6.13 5.51 -1.84
N LYS A 28 6.67 4.47 -1.20
CA LYS A 28 7.91 3.86 -1.67
C LYS A 28 7.83 2.34 -1.56
N ASP A 29 8.37 1.66 -2.56
CA ASP A 29 8.57 0.23 -2.47
C ASP A 29 10.00 0.01 -2.00
N LEU A 30 10.20 -0.83 -0.97
CA LEU A 30 11.55 -1.22 -0.57
C LEU A 30 11.76 -2.68 -0.91
N LYS A 31 12.92 -3.00 -1.45
CA LYS A 31 13.17 -4.36 -1.83
C LYS A 31 14.64 -4.69 -1.77
N ASN A 32 14.92 -5.95 -1.47
CA ASN A 32 16.29 -6.46 -1.41
C ASN A 32 17.20 -5.81 -0.39
N GLY A 33 16.63 -5.24 0.65
CA GLY A 33 17.44 -4.62 1.68
C GLY A 33 18.06 -3.29 1.25
N ASN A 34 17.67 -2.81 0.07
CA ASN A 34 18.14 -1.51 -0.42
C ASN A 34 17.42 -0.36 0.22
N SER A 35 18.20 0.59 0.75
CA SER A 35 17.63 1.74 1.45
C SER A 35 17.05 2.75 0.48
N GLU A 36 15.97 3.41 0.89
CA GLU A 36 15.30 4.44 0.08
C GLU A 36 15.12 5.69 0.92
N LEU A 37 14.96 6.83 0.25
CA LEU A 37 14.65 8.09 0.94
C LEU A 37 13.19 8.55 0.79
N VAL A 38 12.64 9.14 1.84
CA VAL A 38 11.48 9.99 1.70
C VAL A 38 12.01 11.33 2.16
N ARG A 39 11.87 12.35 1.33
CA ARG A 39 12.50 13.62 1.62
C ARG A 39 11.55 14.68 2.15
N VAL A 40 12.08 15.65 2.87
CA VAL A 40 11.31 16.72 3.47
C VAL A 40 11.76 18.07 2.94
N TYR A 41 10.85 18.83 2.37
CA TYR A 41 11.15 20.06 1.68
C TYR A 41 10.53 21.25 2.39
N SER A 42 11.37 22.17 2.85
CA SER A 42 10.89 23.33 3.55
C SER A 42 10.09 24.27 2.61
N LYS A 43 8.94 24.67 3.06
CA LYS A 43 8.04 25.51 2.28
C LYS A 43 7.61 26.74 3.08
N SER A 44 8.52 27.27 3.88
CA SER A 44 8.20 28.36 4.77
C SER A 44 9.40 29.19 5.09
N LYS A 45 9.20 30.42 5.54
CA LYS A 45 10.30 31.34 5.84
C LYS A 45 10.92 31.03 7.19
N GLU A 46 10.19 30.30 8.02
CA GLU A 46 10.66 29.97 9.35
C GLU A 46 11.45 28.67 9.30
N ILE A 47 12.14 28.40 10.38
CA ILE A 47 12.73 27.10 10.56
C ILE A 47 11.75 26.19 11.25
N GLN A 48 11.69 24.93 10.85
CA GLN A 48 10.70 24.02 11.41
C GLN A 48 11.31 22.76 12.04
N TYR A 49 10.59 22.19 13.00
CA TYR A 49 11.03 20.97 13.69
C TYR A 49 10.03 19.86 13.41
N ILE A 50 10.50 18.82 12.70
CA ILE A 50 9.62 17.75 12.24
C ILE A 50 9.89 16.48 13.04
N LYS A 51 8.83 15.80 13.46
CA LYS A 51 9.01 14.49 14.10
C LYS A 51 8.50 13.41 13.17
N ILE A 52 9.17 12.26 13.19
CA ILE A 52 8.86 11.16 12.31
C ILE A 52 8.62 9.92 13.19
N TYR A 53 7.52 9.23 12.91
CA TYR A 53 7.18 8.04 13.68
C TYR A 53 6.47 7.12 12.73
N THR A 54 6.35 5.86 13.09
CA THR A 54 6.01 4.81 12.12
C THR A 54 4.95 3.93 12.70
N LYS A 55 4.04 3.46 11.84
CA LYS A 55 3.03 2.51 12.27
C LYS A 55 2.98 1.42 11.24
N LYS A 56 2.89 0.17 11.69
CA LYS A 56 2.67 -0.92 10.76
C LYS A 56 1.16 -1.06 10.58
N ILE A 57 0.76 -1.45 9.38
CA ILE A 57 -0.65 -1.56 9.06
C ILE A 57 -1.06 -3.02 9.11
N ILE A 58 -1.97 -3.36 10.02
CA ILE A 58 -2.46 -4.71 10.18
C ILE A 58 -3.74 -4.92 9.38
N ASN A 59 -3.87 -6.03 8.70
CA ASN A 59 -5.02 -6.27 7.86
C ASN A 59 -5.25 -5.19 6.82
N PRO A 60 -4.24 -4.87 6.06
CA PRO A 60 -4.37 -3.79 5.09
C PRO A 60 -5.38 -4.06 4.01
N GLY A 61 -6.10 -3.04 3.63
CA GLY A 61 -7.01 -3.10 2.51
C GLY A 61 -8.36 -3.72 2.84
N THR A 62 -8.54 -4.04 4.09
CA THR A 62 -9.75 -4.76 4.48
C THR A 62 -10.56 -4.05 5.55
N THR A 63 -11.65 -4.68 5.91
CA THR A 63 -12.57 -4.15 6.90
C THR A 63 -11.91 -3.97 8.25
N GLU A 64 -11.11 -4.94 8.64
CA GLU A 64 -10.52 -4.91 9.98
C GLU A 64 -9.14 -4.26 10.05
N GLU A 65 -8.85 -3.34 9.12
CA GLU A 65 -7.54 -2.70 9.06
C GLU A 65 -7.29 -1.80 10.25
N TYR A 66 -6.13 -1.92 10.88
CA TYR A 66 -5.76 -0.95 11.91
C TYR A 66 -4.24 -0.74 11.97
N GLU A 67 -3.79 0.26 12.71
CA GLU A 67 -2.37 0.59 12.72
C GLU A 67 -1.77 0.38 14.09
N VAL A 68 -0.54 -0.13 14.13
CA VAL A 68 0.14 -0.22 15.41
C VAL A 68 1.46 0.55 15.44
N ASP A 69 1.67 1.27 16.54
CA ASP A 69 2.92 1.99 16.76
C ASP A 69 4.09 1.04 16.79
N ILE A 70 5.13 1.41 16.06
CA ILE A 70 6.40 0.69 16.18
C ILE A 70 7.55 1.68 16.37
N PRO A 71 8.56 1.30 17.18
CA PRO A 71 9.74 2.16 17.28
C PRO A 71 10.43 2.24 15.92
N ASN A 72 11.11 3.36 15.65
CA ASN A 72 11.79 3.62 14.39
C ASN A 72 13.06 2.77 14.22
N TRP A 73 13.68 2.35 15.34
CA TRP A 73 14.99 1.71 15.30
C TRP A 73 15.04 0.26 15.79
N ASP A 74 13.90 -0.36 16.01
CA ASP A 74 13.95 -1.76 16.44
C ASP A 74 12.94 -2.65 15.73
N GLY A 75 12.17 -2.10 14.82
CA GLY A 75 11.21 -2.92 14.09
C GLY A 75 11.74 -3.61 12.83
N GLY A 76 10.84 -4.05 11.97
CA GLY A 76 11.25 -4.67 10.72
C GLY A 76 11.52 -3.60 9.68
N LEU A 77 11.29 -2.33 10.04
CA LEU A 77 11.53 -1.21 9.14
C LEU A 77 12.31 -0.13 9.88
N VAL A 78 13.52 0.18 9.45
CA VAL A 78 14.36 1.17 10.14
C VAL A 78 14.19 2.53 9.46
N VAL A 79 13.77 3.51 10.25
CA VAL A 79 13.44 4.86 9.82
C VAL A 79 14.28 5.86 10.59
N THR A 80 15.13 6.60 9.90
CA THR A 80 16.06 7.49 10.57
C THR A 80 16.34 8.74 9.73
N PRO A 81 16.54 9.91 10.36
CA PRO A 81 16.44 10.20 11.79
C PRO A 81 14.97 10.28 12.20
N GLN A 82 14.68 10.38 13.50
CA GLN A 82 13.29 10.53 13.91
C GLN A 82 12.91 11.98 14.25
N LYS A 83 13.88 12.87 14.18
CA LYS A 83 13.68 14.29 14.38
C LYS A 83 14.47 15.03 13.31
N VAL A 84 13.87 16.05 12.70
CA VAL A 84 14.58 16.84 11.71
C VAL A 84 14.45 18.33 12.01
N ILE A 85 15.57 19.04 12.00
CA ILE A 85 15.55 20.49 12.09
C ILE A 85 15.58 21.02 10.66
N LEU A 86 14.52 21.73 10.28
CA LEU A 86 14.28 22.10 8.89
C LEU A 86 14.41 23.62 8.64
N PRO A 87 15.63 24.09 8.35
CA PRO A 87 15.92 25.50 8.09
C PRO A 87 15.21 26.04 6.85
N ALA A 88 14.98 27.34 6.80
CA ALA A 88 14.25 27.96 5.70
C ALA A 88 14.79 27.54 4.34
N GLY A 89 13.92 27.04 3.47
CA GLY A 89 14.30 26.69 2.12
C GLY A 89 15.09 25.40 1.94
N ALA A 90 15.36 24.70 3.05
CA ALA A 90 16.20 23.49 2.99
C ALA A 90 15.41 22.21 2.65
N SER A 91 16.15 21.18 2.26
CA SER A 91 15.59 19.87 2.02
C SER A 91 16.32 18.86 2.91
N LYS A 92 15.60 17.86 3.42
CA LYS A 92 16.25 16.88 4.30
C LYS A 92 15.71 15.53 3.95
N SER A 93 16.35 14.50 4.48
CA SER A 93 15.95 13.16 4.09
C SER A 93 15.73 12.28 5.29
N ILE A 94 14.73 11.42 5.16
CA ILE A 94 14.55 10.32 6.06
C ILE A 94 14.88 9.04 5.31
N ARG A 95 15.73 8.21 5.89
CA ARG A 95 16.14 6.97 5.26
C ARG A 95 15.30 5.78 5.72
N LEU A 96 14.92 4.93 4.77
CA LEU A 96 14.09 3.74 5.04
C LEU A 96 14.87 2.48 4.65
N THR A 97 14.94 1.50 5.55
CA THR A 97 15.70 0.28 5.33
C THR A 97 14.94 -0.92 5.91
N GLN A 98 14.68 -1.94 5.11
CA GLN A 98 14.12 -3.16 5.65
C GLN A 98 15.17 -3.76 6.56
N PHE A 99 14.80 -4.17 7.78
CA PHE A 99 15.80 -4.85 8.63
C PHE A 99 15.88 -6.33 8.31
N LYS A 100 14.72 -6.97 8.21
CA LYS A 100 14.65 -8.33 7.65
C LYS A 100 13.68 -8.31 6.47
N ILE A 101 13.99 -9.04 5.42
CA ILE A 101 13.12 -9.05 4.25
C ILE A 101 11.96 -10.01 4.50
N PRO A 102 10.71 -9.55 4.31
CA PRO A 102 9.58 -10.41 4.68
C PRO A 102 9.25 -11.43 3.58
N LYS A 103 8.69 -12.57 3.97
CA LYS A 103 8.27 -13.58 3.01
C LYS A 103 7.14 -13.05 2.14
N LYS A 104 6.24 -12.32 2.78
CA LYS A 104 5.14 -11.64 2.10
C LYS A 104 5.15 -10.13 2.41
N GLU A 105 4.62 -9.35 1.47
CA GLU A 105 4.59 -7.88 1.56
C GLU A 105 4.00 -7.40 2.88
N GLU A 106 4.63 -6.40 3.49
CA GLU A 106 4.08 -5.80 4.68
C GLU A 106 4.04 -4.31 4.43
N VAL A 107 3.07 -3.62 5.00
CA VAL A 107 2.95 -2.17 4.78
C VAL A 107 2.99 -1.37 6.06
N TYR A 108 3.64 -0.22 5.96
CA TYR A 108 3.76 0.70 7.06
C TYR A 108 3.36 2.07 6.57
N ARG A 109 2.97 2.91 7.51
CA ARG A 109 2.82 4.31 7.22
C ARG A 109 3.83 5.07 8.06
N VAL A 110 4.63 5.88 7.39
CA VAL A 110 5.58 6.74 8.09
C VAL A 110 4.99 8.16 8.11
N TYR A 111 4.79 8.68 9.33
CA TYR A 111 4.18 9.99 9.56
C TYR A 111 5.22 11.05 9.77
N PHE A 112 4.90 12.27 9.31
CA PHE A 112 5.81 13.42 9.42
C PHE A 112 5.00 14.55 10.02
N GLU A 113 5.44 15.10 11.14
CA GLU A 113 4.63 16.03 11.92
C GLU A 113 5.48 17.14 12.51
N ALA A 114 5.18 18.39 12.12
CA ALA A 114 5.90 19.53 12.64
C ALA A 114 5.51 19.74 14.11
N VAL A 115 6.48 20.02 14.95
CA VAL A 115 6.18 20.29 16.36
C VAL A 115 6.89 21.55 16.83
N LYS A 116 6.81 21.82 18.13
CA LYS A 116 7.52 22.94 18.71
C LYS A 116 8.92 22.44 19.09
N PRO A 117 9.93 23.32 19.03
CA PRO A 117 11.31 22.92 19.36
C PRO A 117 11.47 22.42 20.79
N ASP A 118 12.01 21.21 20.95
CA ASP A 118 12.27 20.66 22.28
C ASP A 118 13.69 20.96 22.70
N SER A 119 13.79 22.00 23.54
CA SER A 119 14.99 22.76 23.83
C SER A 119 14.50 24.16 24.15
N LEU A 129 -2.74 33.14 21.59
CA LEU A 129 -2.34 33.10 20.20
C LEU A 129 -3.53 33.34 19.28
N THR A 130 -4.40 34.27 19.70
CA THR A 130 -5.58 34.64 18.91
C THR A 130 -5.31 35.05 17.49
N THR A 131 -4.36 35.95 17.28
CA THR A 131 -4.18 36.54 15.97
C THR A 131 -3.88 35.60 14.80
N GLU A 132 -3.07 34.58 14.99
CA GLU A 132 -2.63 33.76 13.88
C GLU A 132 -3.19 32.36 13.93
N LEU A 133 -3.37 31.75 12.77
CA LEU A 133 -4.01 30.44 12.64
C LEU A 133 -3.23 29.27 13.24
N SER A 134 -3.92 28.37 13.91
CA SER A 134 -3.32 27.12 14.30
C SER A 134 -3.69 26.03 13.29
N VAL A 135 -2.65 25.45 12.69
CA VAL A 135 -2.79 24.44 11.66
C VAL A 135 -1.71 23.38 11.85
N ASN A 136 -2.13 22.11 11.91
CA ASN A 136 -1.22 21.00 12.11
C ASN A 136 -1.42 20.03 10.97
N ILE A 137 -0.55 20.12 9.96
CA ILE A 137 -0.65 19.19 8.84
C ILE A 137 0.31 18.01 9.05
N ILE A 138 -0.24 16.81 9.09
CA ILE A 138 0.58 15.62 9.23
C ILE A 138 0.53 14.80 7.95
N TYR A 139 1.70 14.56 7.36
CA TYR A 139 1.75 13.80 6.11
C TYR A 139 2.14 12.36 6.42
N ALA A 140 1.64 11.43 5.62
CA ALA A 140 2.06 10.05 5.73
C ALA A 140 2.52 9.51 4.39
N ALA A 141 3.62 8.76 4.42
CA ALA A 141 4.03 7.99 3.27
C ALA A 141 3.68 6.52 3.51
N LEU A 142 3.01 5.92 2.54
CA LEU A 142 2.73 4.48 2.56
C LEU A 142 3.95 3.72 2.05
N ILE A 143 4.48 2.85 2.89
CA ILE A 143 5.73 2.16 2.61
C ILE A 143 5.47 0.66 2.47
N ARG A 144 5.84 0.10 1.32
CA ARG A 144 5.65 -1.34 1.09
C ARG A 144 6.98 -2.06 1.26
N SER A 145 7.03 -2.97 2.24
CA SER A 145 8.20 -3.83 2.42
C SER A 145 7.96 -5.09 1.60
N LEU A 146 8.70 -5.25 0.51
CA LEU A 146 8.43 -6.30 -0.47
C LEU A 146 9.35 -7.50 -0.32
N PRO A 147 8.83 -8.71 -0.65
CA PRO A 147 9.63 -9.94 -0.65
C PRO A 147 10.62 -9.89 -1.82
N SER A 148 11.67 -10.70 -1.78
CA SER A 148 12.71 -10.63 -2.82
C SER A 148 12.32 -11.22 -4.18
N GLU A 149 11.63 -12.35 -4.16
CA GLU A 149 11.18 -12.93 -5.42
C GLU A 149 9.67 -12.87 -5.50
N GLN A 150 9.17 -11.90 -6.22
CA GLN A 150 7.78 -11.57 -6.16
C GLN A 150 6.88 -12.55 -6.93
N ASN A 151 5.73 -12.85 -6.37
CA ASN A 151 4.87 -13.87 -6.93
C ASN A 151 3.43 -13.46 -6.80
N ILE A 152 2.86 -12.96 -7.90
CA ILE A 152 1.44 -12.63 -7.92
C ILE A 152 0.67 -13.91 -8.23
N SER A 153 -0.28 -14.25 -7.37
CA SER A 153 -1.09 -15.45 -7.55
C SER A 153 -2.44 -15.31 -6.88
N LEU A 154 -3.50 -15.62 -7.61
CA LEU A 154 -4.86 -15.47 -7.11
C LEU A 154 -5.64 -16.78 -7.17
N ASN A 155 -6.59 -16.92 -6.23
CA ASN A 155 -7.44 -18.09 -6.11
C ASN A 155 -8.89 -17.64 -6.13
N ILE A 156 -9.77 -18.52 -6.61
CA ILE A 156 -11.19 -18.18 -6.69
C ILE A 156 -12.04 -19.14 -5.85
N SER A 157 -13.07 -18.58 -5.23
CA SER A 157 -13.97 -19.30 -4.38
C SER A 157 -15.38 -18.69 -4.44
N ARG A 158 -16.35 -19.39 -3.85
CA ARG A 158 -17.73 -18.93 -3.79
C ARG A 158 -18.32 -18.95 -2.37
N ASN A 159 -19.24 -18.01 -2.13
CA ASN A 159 -19.83 -17.71 -0.84
C ASN A 159 -20.99 -18.62 -0.46
N ALA A 160 -21.77 -18.13 0.50
CA ALA A 160 -23.07 -18.67 0.82
C ALA A 160 -23.89 -18.51 -0.42
N LYS A 161 -23.71 -17.37 -1.08
CA LYS A 161 -24.22 -17.15 -2.40
C LYS A 161 -22.96 -17.14 -3.21
N LYS A 162 -22.97 -17.75 -4.38
CA LYS A 162 -21.70 -18.17 -4.95
C LYS A 162 -20.83 -16.94 -4.94
N ASN A 163 -21.37 -15.80 -5.37
CA ASN A 163 -20.90 -14.49 -4.92
C ASN A 163 -19.39 -14.38 -4.93
N ILE A 164 -18.78 -14.58 -6.08
CA ILE A 164 -17.41 -15.05 -6.16
C ILE A 164 -16.40 -14.19 -5.40
N ILE A 165 -15.48 -14.89 -4.76
CA ILE A 165 -14.47 -14.33 -3.85
C ILE A 165 -13.05 -14.58 -4.32
N ILE A 166 -12.24 -13.53 -4.38
CA ILE A 166 -10.85 -13.62 -4.83
C ILE A 166 -9.93 -13.69 -3.62
N TYR A 167 -9.00 -14.64 -3.63
CA TYR A 167 -8.07 -14.81 -2.52
C TYR A 167 -6.62 -14.67 -2.97
N ASN A 168 -5.90 -13.77 -2.31
CA ASN A 168 -4.50 -13.52 -2.60
C ASN A 168 -3.60 -14.61 -2.01
N ASN A 169 -3.14 -15.51 -2.87
CA ASN A 169 -2.29 -16.64 -2.52
C ASN A 169 -0.81 -16.32 -2.79
N GLY A 170 -0.54 -15.13 -3.32
CA GLY A 170 0.83 -14.75 -3.62
C GLY A 170 1.48 -14.02 -2.46
N ASN A 171 2.69 -13.50 -2.70
CA ASN A 171 3.44 -12.79 -1.66
C ASN A 171 3.48 -11.25 -1.80
N VAL A 172 2.72 -10.72 -2.73
CA VAL A 172 2.55 -9.28 -2.87
C VAL A 172 1.10 -8.93 -3.09
N ARG A 173 0.78 -7.68 -2.90
CA ARG A 173 -0.57 -7.21 -3.10
C ARG A 173 -0.99 -7.32 -4.56
N ALA A 174 -2.26 -7.56 -4.80
CA ALA A 174 -2.74 -7.63 -6.16
C ALA A 174 -3.66 -6.46 -6.39
N GLY A 175 -3.27 -5.57 -7.29
CA GLY A 175 -4.09 -4.43 -7.59
C GLY A 175 -5.01 -4.79 -8.72
N VAL A 176 -6.28 -4.90 -8.40
CA VAL A 176 -7.24 -5.38 -9.36
C VAL A 176 -7.91 -4.13 -9.89
N LYS A 177 -7.91 -3.97 -11.20
CA LYS A 177 -8.52 -2.79 -11.77
C LYS A 177 -9.94 -3.11 -12.21
N ASP A 178 -10.10 -4.11 -13.06
CA ASP A 178 -11.41 -4.59 -13.43
C ASP A 178 -11.39 -6.10 -13.49
N ILE A 179 -12.57 -6.68 -13.38
CA ILE A 179 -12.75 -8.13 -13.56
C ILE A 179 -13.74 -8.41 -14.70
N TYR A 180 -13.37 -9.29 -15.60
CA TYR A 180 -14.27 -9.73 -16.66
C TYR A 180 -14.82 -11.10 -16.31
N PHE A 181 -16.14 -11.15 -16.08
CA PHE A 181 -16.84 -12.39 -15.80
C PHE A 181 -17.40 -12.93 -17.12
N CYS A 182 -16.93 -14.08 -17.55
CA CYS A 182 -17.31 -14.65 -18.82
C CYS A 182 -18.14 -15.95 -18.65
N LYS A 183 -18.95 -16.33 -19.64
CA LYS A 183 -19.67 -17.62 -19.57
C LYS A 183 -18.95 -18.65 -20.36
N SER A 184 -17.78 -18.27 -20.79
CA SER A 184 -16.97 -19.07 -21.67
C SER A 184 -15.54 -18.75 -21.32
N SER A 185 -14.61 -19.46 -21.93
CA SER A 185 -13.19 -19.25 -21.69
C SER A 185 -12.58 -18.17 -22.59
N ASN A 186 -13.43 -17.43 -23.30
CA ASN A 186 -12.95 -16.44 -24.24
C ASN A 186 -13.37 -15.04 -23.84
N ILE A 187 -12.40 -14.12 -23.74
CA ILE A 187 -12.72 -12.75 -23.40
C ILE A 187 -13.46 -12.08 -24.56
N ASP A 188 -14.55 -11.39 -24.28
CA ASP A 188 -15.30 -10.76 -25.32
C ASP A 188 -16.47 -9.99 -24.76
N ASP A 189 -17.21 -9.35 -25.65
CA ASP A 189 -18.24 -8.39 -25.30
C ASP A 189 -19.42 -8.98 -24.55
N ASN A 190 -19.59 -10.29 -24.59
CA ASN A 190 -20.58 -10.95 -23.75
C ASN A 190 -20.30 -10.75 -22.23
N CYS A 191 -19.03 -10.80 -21.84
CA CYS A 191 -18.59 -10.73 -20.43
C CYS A 191 -18.96 -9.39 -19.82
N VAL A 192 -19.42 -9.40 -18.57
CA VAL A 192 -19.70 -8.15 -17.85
C VAL A 192 -18.47 -7.62 -17.09
N LYS A 193 -18.12 -6.38 -17.38
CA LYS A 193 -16.92 -5.77 -16.85
C LYS A 193 -17.23 -4.85 -15.68
N LYS A 194 -16.82 -5.26 -14.48
CA LYS A 194 -16.97 -4.43 -13.29
C LYS A 194 -15.62 -3.85 -12.87
N ALA A 195 -15.57 -2.54 -12.69
CA ALA A 195 -14.37 -1.83 -12.27
C ALA A 195 -14.22 -1.88 -10.78
N TYR A 196 -13.07 -2.38 -10.33
CA TYR A 196 -12.79 -2.56 -8.92
C TYR A 196 -11.42 -2.06 -8.59
N ASN A 197 -11.20 -0.79 -8.38
CA ASN A 197 -9.82 -0.44 -8.12
C ASN A 197 -9.51 -0.69 -6.66
N LYS A 198 -9.31 -1.97 -6.37
CA LYS A 198 -8.98 -2.41 -5.05
C LYS A 198 -7.70 -3.26 -5.03
N ASN A 199 -6.83 -2.93 -4.09
CA ASN A 199 -5.63 -3.69 -3.78
C ASN A 199 -6.01 -4.81 -2.84
N ILE A 200 -5.64 -6.05 -3.17
CA ILE A 200 -5.86 -7.19 -2.27
C ILE A 200 -4.54 -7.68 -1.74
N TYR A 201 -4.35 -7.62 -0.43
CA TYR A 201 -3.07 -7.95 0.16
C TYR A 201 -2.94 -9.46 0.39
N PRO A 202 -1.70 -9.95 0.57
CA PRO A 202 -1.48 -11.39 0.72
C PRO A 202 -2.33 -11.98 1.83
N GLU A 203 -2.82 -13.20 1.62
CA GLU A 203 -3.70 -13.90 2.57
C GLU A 203 -5.04 -13.22 2.85
N LYS A 204 -5.39 -12.20 2.06
CA LYS A 204 -6.68 -11.53 2.22
C LYS A 204 -7.66 -11.89 1.11
N SER A 205 -8.94 -11.58 1.32
CA SER A 205 -10.00 -11.94 0.37
C SER A 205 -10.76 -10.73 -0.12
N PHE A 206 -11.28 -10.80 -1.33
CA PHE A 206 -12.12 -9.73 -1.86
C PHE A 206 -13.50 -10.24 -2.27
N ASP A 207 -14.54 -9.54 -1.82
CA ASP A 207 -15.92 -9.89 -2.17
C ASP A 207 -16.33 -9.17 -3.45
N THR A 208 -16.38 -9.88 -4.57
CA THR A 208 -16.69 -9.23 -5.83
C THR A 208 -18.12 -8.78 -5.90
N LEU A 209 -18.95 -9.34 -5.04
CA LEU A 209 -20.37 -9.03 -5.03
C LEU A 209 -21.12 -9.54 -6.28
N VAL A 210 -20.64 -10.62 -6.87
CA VAL A 210 -21.26 -11.18 -8.07
C VAL A 210 -21.52 -12.68 -7.91
N ASN A 211 -22.81 -13.02 -7.82
CA ASN A 211 -23.24 -14.38 -7.50
C ASN A 211 -23.80 -15.16 -8.67
N ASN A 212 -23.75 -14.52 -9.82
CA ASN A 212 -24.29 -15.05 -11.06
C ASN A 212 -23.41 -16.17 -11.61
N ASN A 213 -23.98 -17.02 -12.46
CA ASN A 213 -23.28 -18.24 -12.89
C ASN A 213 -22.36 -18.11 -14.09
N PHE A 214 -21.24 -17.42 -13.92
CA PHE A 214 -20.19 -17.42 -14.93
C PHE A 214 -19.33 -18.64 -14.85
N SER A 215 -18.46 -18.84 -15.83
CA SER A 215 -17.59 -20.01 -15.86
C SER A 215 -16.13 -19.66 -15.64
N TYR A 216 -15.73 -18.50 -16.17
CA TYR A 216 -14.35 -18.06 -16.06
C TYR A 216 -14.32 -16.61 -15.63
N VAL A 217 -13.21 -16.23 -15.01
CA VAL A 217 -12.98 -14.84 -14.73
C VAL A 217 -11.63 -14.37 -15.24
N PHE A 218 -11.56 -13.10 -15.62
CA PHE A 218 -10.31 -12.50 -16.07
C PHE A 218 -10.00 -11.30 -15.19
N ILE A 219 -8.95 -11.40 -14.39
CA ILE A 219 -8.58 -10.34 -13.48
C ILE A 219 -7.65 -9.34 -14.18
N LYS A 220 -8.02 -8.07 -14.15
CA LYS A 220 -7.14 -7.04 -14.71
C LYS A 220 -6.31 -6.38 -13.62
N LEU A 221 -5.01 -6.62 -13.65
CA LEU A 221 -4.17 -6.14 -12.58
C LEU A 221 -3.49 -4.80 -12.88
N ASN A 222 -3.47 -3.92 -11.90
CA ASN A 222 -2.69 -2.70 -11.98
C ASN A 222 -1.24 -3.04 -12.13
N HIS A 223 -0.44 -2.13 -12.68
CA HIS A 223 0.96 -2.45 -12.86
C HIS A 223 1.86 -1.75 -11.84
N GLU A 224 2.67 -2.54 -11.16
CA GLU A 224 3.56 -2.02 -10.12
C GLU A 224 5.02 -2.36 -10.37
N GLY A 225 5.86 -1.34 -10.26
CA GLY A 225 7.31 -1.49 -10.24
C GLY A 225 8.00 -2.20 -11.39
N ILE A 226 7.54 -1.95 -12.61
CA ILE A 226 8.13 -2.57 -13.78
C ILE A 226 7.56 -3.96 -14.01
N GLU A 227 6.63 -4.40 -13.16
CA GLU A 227 5.88 -5.59 -13.51
C GLU A 227 4.94 -5.17 -14.62
N LYS A 228 4.75 -6.04 -15.62
CA LYS A 228 3.70 -5.82 -16.60
C LYS A 228 2.52 -6.77 -16.36
N GLU A 229 2.73 -8.06 -16.64
CA GLU A 229 1.92 -9.13 -16.07
C GLU A 229 0.40 -8.93 -16.22
N GLN A 230 -0.05 -8.59 -17.42
CA GLN A 230 -1.42 -8.13 -17.62
C GLN A 230 -2.64 -9.05 -17.36
N GLY A 231 -2.62 -10.30 -17.80
CA GLY A 231 -3.86 -11.07 -17.80
C GLY A 231 -3.93 -12.38 -17.04
N LEU A 232 -4.89 -12.46 -16.12
CA LEU A 232 -5.01 -13.66 -15.31
C LEU A 232 -6.36 -14.35 -15.46
N ILE A 233 -6.35 -15.55 -16.03
CA ILE A 233 -7.61 -16.24 -16.15
C ILE A 233 -7.69 -17.35 -15.13
N GLN A 234 -8.72 -17.27 -14.30
CA GLN A 234 -9.00 -18.33 -13.35
C GLN A 234 -10.36 -18.98 -13.62
N LEU A 235 -10.36 -20.31 -13.68
CA LEU A 235 -11.60 -21.07 -13.90
C LEU A 235 -12.47 -21.04 -12.67
N LYS A 236 -13.74 -20.67 -12.83
CA LYS A 236 -14.61 -20.59 -11.69
C LYS A 236 -15.25 -21.94 -11.48
N VAL A 237 -14.97 -22.54 -10.34
CA VAL A 237 -15.40 -23.91 -10.09
C VAL A 237 -16.92 -24.00 -10.00
N PRO A 238 -17.46 -25.14 -10.60
CA PRO A 238 -18.94 -25.12 -10.66
C PRO A 238 -19.61 -25.21 -9.31
N LEU A 239 -20.73 -24.53 -9.17
CA LEU A 239 -21.53 -24.58 -7.96
C LEU A 239 -22.46 -25.80 -7.99
#